data_3KXE
#
_entry.id   3KXE
#
_cell.length_a   65.735
_cell.length_b   72.707
_cell.length_c   76.814
_cell.angle_alpha   90.00
_cell.angle_beta   90.00
_cell.angle_gamma   90.00
#
_symmetry.space_group_name_H-M   'P 21 21 21'
#
loop_
_entity.id
_entity.type
_entity.pdbx_description
1 polymer 'Toxin protein parE-1'
2 polymer 'Antitoxin protein parD-1'
3 water water
#
loop_
_entity_poly.entity_id
_entity_poly.type
_entity_poly.pdbx_seq_one_letter_code
_entity_poly.pdbx_strand_id
1 'polypeptide(L)'
;(MSE)GSSHHHHHHSQDP(MSE)KPYRLSRRAKADLDDIWTYSEQRWGVEQAADYARELQATIE(MSE)IAEHPG(MSE)
GQPDENLRAGYRRCASGSHVVFYRVGVRVEIIRVLHQS(MSE)NARAHLG
;
A,B
2 'polypeptide(L)'
;MASKNTSVVLGDHFQAFIDSQVADGRYGSASEVIRAGLRLLEENEAKLAALRAALIEGEESGFIEDFDFDAFIEERSRAS
APQGFHEE
;
C,D
#
# COMPACT_ATOMS: atom_id res chain seq x y z
N LYS A 16 18.74 -5.12 17.29
CA LYS A 16 17.89 -5.57 18.44
C LYS A 16 16.91 -4.47 18.94
N PRO A 17 17.43 -3.41 19.60
CA PRO A 17 16.51 -2.49 20.29
C PRO A 17 15.81 -1.46 19.39
N TYR A 18 14.55 -1.21 19.70
CA TYR A 18 13.78 -0.15 19.07
C TYR A 18 12.91 0.45 20.15
N ARG A 19 12.49 1.69 19.90
CA ARG A 19 11.49 2.36 20.73
C ARG A 19 10.18 2.20 20.00
N LEU A 20 9.08 2.43 20.72
CA LEU A 20 7.73 2.11 20.27
C LEU A 20 6.75 3.11 20.87
N SER A 21 6.17 3.97 20.04
CA SER A 21 5.36 5.06 20.54
C SER A 21 4.11 4.51 21.18
N ARG A 22 3.61 5.22 22.17
CA ARG A 22 2.42 4.80 22.87
C ARG A 22 1.27 4.70 21.90
N ARG A 23 1.16 5.68 21.01
CA ARG A 23 0.11 5.67 20.00
C ARG A 23 0.24 4.39 19.18
N ALA A 24 1.46 4.12 18.72
CA ALA A 24 1.76 2.92 17.97
C ALA A 24 1.26 1.71 18.74
N LYS A 25 1.56 1.67 20.04
CA LYS A 25 1.07 0.59 20.90
C LYS A 25 -0.49 0.59 20.97
N ALA A 26 -1.09 1.76 21.02
CA ALA A 26 -2.56 1.86 20.87
C ALA A 26 -3.00 1.30 19.55
N ASP A 27 -2.17 1.48 18.52
CA ASP A 27 -2.46 0.87 17.20
C ASP A 27 -2.51 -0.64 17.23
N LEU A 28 -1.57 -1.30 17.91
CA LEU A 28 -1.60 -2.76 17.98
C LEU A 28 -2.82 -3.26 18.72
N ASP A 29 -3.19 -2.50 19.76
CA ASP A 29 -4.33 -2.79 20.60
C ASP A 29 -5.61 -2.79 19.77
N ASP A 30 -5.73 -1.77 18.90
CA ASP A 30 -6.89 -1.60 18.04
C ASP A 30 -6.79 -2.63 16.94
N ILE A 31 -5.58 -2.90 16.49
CA ILE A 31 -5.50 -3.93 15.49
C ILE A 31 -5.97 -5.25 16.07
N TRP A 32 -5.57 -5.54 17.31
CA TRP A 32 -5.95 -6.79 17.92
C TRP A 32 -7.45 -6.85 18.09
N THR A 33 -8.03 -5.75 18.54
CA THR A 33 -9.46 -5.71 18.74
C THR A 33 -10.20 -6.07 17.44
N TYR A 34 -10.04 -5.28 16.38
CA TYR A 34 -10.69 -5.61 15.11
C TYR A 34 -10.52 -7.09 14.68
N SER A 35 -9.29 -7.59 14.67
CA SER A 35 -8.97 -8.97 14.25
C SER A 35 -9.63 -10.07 15.07
N GLU A 36 -9.62 -9.86 16.39
CA GLU A 36 -10.15 -10.84 17.30
C GLU A 36 -11.66 -10.89 17.05
N GLN A 37 -12.22 -9.71 16.77
CA GLN A 37 -13.65 -9.59 16.57
C GLN A 37 -14.07 -10.19 15.23
N ARG A 38 -13.31 -9.88 14.18
CA ARG A 38 -13.61 -10.34 12.86
C ARG A 38 -13.29 -11.84 12.69
N TRP A 39 -12.26 -12.32 13.40
CA TRP A 39 -11.71 -13.68 13.20
C TRP A 39 -11.33 -14.56 14.41
N GLY A 40 -11.45 -14.09 15.64
CA GLY A 40 -11.08 -14.95 16.79
C GLY A 40 -9.66 -14.71 17.24
N VAL A 41 -9.29 -15.27 18.40
CA VAL A 41 -7.94 -15.05 18.95
C VAL A 41 -6.78 -15.66 18.17
N GLU A 42 -6.90 -16.93 17.78
CA GLU A 42 -5.90 -17.58 16.93
C GLU A 42 -5.43 -16.60 15.84
N GLN A 43 -6.35 -16.20 14.98
CA GLN A 43 -6.04 -15.33 13.84
C GLN A 43 -5.50 -13.93 14.25
N ALA A 44 -6.15 -13.32 15.24
CA ALA A 44 -5.66 -12.12 15.88
C ALA A 44 -4.20 -12.26 16.29
N ALA A 45 -3.86 -13.39 16.91
CA ALA A 45 -2.47 -13.67 17.35
C ALA A 45 -1.53 -13.90 16.16
N ASP A 46 -1.97 -14.66 15.17
CA ASP A 46 -1.16 -14.83 13.96
C ASP A 46 -0.81 -13.47 13.33
N TYR A 47 -1.81 -12.61 13.13
CA TYR A 47 -1.61 -11.35 12.43
C TYR A 47 -0.63 -10.49 13.21
N ALA A 48 -0.74 -10.56 14.53
CA ALA A 48 0.14 -9.79 15.44
C ALA A 48 1.61 -10.24 15.33
N ARG A 49 1.86 -11.53 15.28
CA ARG A 49 3.22 -12.01 15.11
C ARG A 49 3.80 -11.48 13.81
N GLU A 50 2.95 -11.28 12.81
CA GLU A 50 3.40 -10.75 11.53
C GLU A 50 3.78 -9.28 11.69
N LEU A 51 3.00 -8.55 12.46
CA LEU A 51 3.40 -7.19 12.72
C LEU A 51 4.73 -7.22 13.49
N GLN A 52 4.82 -8.14 14.44
CA GLN A 52 6.02 -8.30 15.22
C GLN A 52 7.22 -8.53 14.29
N ALA A 53 7.09 -9.47 13.35
CA ALA A 53 8.19 -9.81 12.46
C ALA A 53 8.60 -8.62 11.60
N THR A 54 7.62 -7.93 11.00
CA THR A 54 7.87 -6.72 10.23
C THR A 54 8.68 -5.74 11.06
N ILE A 55 8.28 -5.58 12.30
CA ILE A 55 8.86 -4.56 13.16
C ILE A 55 10.25 -5.03 13.53
N GLU A 56 10.36 -6.26 14.01
CA GLU A 56 11.67 -6.79 14.38
C GLU A 56 12.66 -6.73 13.20
N ILE A 58 12.62 -4.34 10.85
CA ILE A 58 12.89 -2.94 10.66
C ILE A 58 13.98 -2.58 11.63
N ALA A 59 13.87 -3.11 12.83
CA ALA A 59 14.87 -2.93 13.88
C ALA A 59 16.24 -3.40 13.39
N GLU A 60 16.27 -4.61 12.84
CA GLU A 60 17.49 -5.18 12.31
C GLU A 60 17.98 -4.42 11.09
N HIS A 61 17.16 -4.37 10.05
CA HIS A 61 17.57 -3.79 8.79
C HIS A 61 16.80 -2.50 8.54
N PRO A 62 17.18 -1.44 9.24
CA PRO A 62 16.43 -0.19 9.19
C PRO A 62 16.41 0.36 7.79
N GLY A 63 17.54 0.32 7.10
CA GLY A 63 17.68 0.89 5.77
C GLY A 63 16.82 0.32 4.67
N GLY A 65 13.42 -0.32 4.75
CA GLY A 65 12.15 0.37 4.62
C GLY A 65 12.25 1.42 3.53
N GLN A 66 11.20 1.53 2.73
CA GLN A 66 11.15 2.56 1.70
C GLN A 66 11.00 3.95 2.33
N PRO A 67 11.90 4.97 2.05
CA PRO A 67 11.75 6.31 2.59
C PRO A 67 10.49 6.97 2.02
N ASP A 68 9.88 7.85 2.82
CA ASP A 68 8.94 8.81 2.30
C ASP A 68 9.28 10.20 2.83
N GLU A 69 10.35 10.74 2.30
CA GLU A 69 10.91 12.02 2.71
C GLU A 69 10.03 13.22 2.37
N ASN A 70 9.23 13.12 1.31
CA ASN A 70 8.24 14.17 1.01
C ASN A 70 7.03 14.10 1.98
N LEU A 71 6.73 12.93 2.52
CA LEU A 71 5.67 12.86 3.50
C LEU A 71 6.13 13.60 4.76
N ARG A 72 7.13 13.17 5.29
CA ARG A 72 7.66 13.78 6.47
C ARG A 72 9.15 13.45 6.58
N ALA A 73 9.94 14.45 6.99
CA ALA A 73 11.38 14.24 7.17
C ALA A 73 11.75 13.01 8.02
N GLY A 74 12.66 12.20 7.49
CA GLY A 74 13.28 11.11 8.22
C GLY A 74 12.48 9.84 8.23
N TYR A 75 11.35 9.82 7.50
CA TYR A 75 10.40 8.69 7.59
C TYR A 75 10.55 7.56 6.58
N ARG A 76 10.34 6.35 7.09
CA ARG A 76 10.29 5.15 6.26
C ARG A 76 9.03 4.33 6.55
N ARG A 77 8.54 3.66 5.52
CA ARG A 77 7.39 2.82 5.69
C ARG A 77 7.75 1.40 5.31
N CYS A 78 7.15 0.43 5.99
CA CYS A 78 7.34 -0.99 5.75
C CYS A 78 6.01 -1.72 6.00
N ALA A 79 5.43 -2.30 4.96
CA ALA A 79 4.07 -2.88 5.03
C ALA A 79 4.01 -4.24 5.69
N SER A 80 2.88 -4.53 6.31
CA SER A 80 2.61 -5.84 6.87
C SER A 80 1.12 -6.10 6.78
N GLY A 81 0.77 -7.15 6.05
CA GLY A 81 -0.63 -7.52 5.80
C GLY A 81 -1.47 -6.42 5.14
N SER A 82 -2.41 -5.88 5.92
CA SER A 82 -3.29 -4.79 5.52
C SER A 82 -2.80 -3.45 6.06
N HIS A 83 -1.68 -3.47 6.76
CA HIS A 83 -1.16 -2.30 7.45
C HIS A 83 0.23 -1.88 7.01
N VAL A 84 0.62 -0.71 7.50
CA VAL A 84 1.86 -0.09 7.10
C VAL A 84 2.53 0.39 8.38
N VAL A 85 3.82 0.09 8.54
CA VAL A 85 4.56 0.56 9.72
C VAL A 85 5.35 1.82 9.38
N PHE A 86 5.11 2.89 10.09
CA PHE A 86 5.79 4.12 9.79
C PHE A 86 6.84 4.31 10.86
N TYR A 87 8.08 4.54 10.44
CA TYR A 87 9.16 4.68 11.40
C TYR A 87 10.22 5.65 10.95
N ARG A 88 11.00 6.11 11.92
CA ARG A 88 12.17 6.88 11.58
C ARG A 88 13.32 6.44 12.46
N VAL A 89 14.52 6.88 12.13
CA VAL A 89 15.65 6.49 12.94
C VAL A 89 16.42 7.68 13.47
N GLY A 90 16.46 7.77 14.80
CA GLY A 90 17.24 8.75 15.54
C GLY A 90 18.42 7.99 16.09
N VAL A 91 18.68 8.15 17.39
CA VAL A 91 19.80 7.40 18.01
C VAL A 91 19.45 5.89 18.16
N ARG A 92 18.15 5.57 18.05
CA ARG A 92 17.72 4.22 17.63
C ARG A 92 16.42 4.26 16.87
N VAL A 93 16.00 3.12 16.36
CA VAL A 93 14.84 3.04 15.47
C VAL A 93 13.57 3.35 16.25
N GLU A 94 12.76 4.27 15.74
CA GLU A 94 11.51 4.66 16.42
C GLU A 94 10.27 4.30 15.60
N ILE A 95 9.45 3.37 16.13
CA ILE A 95 8.19 2.99 15.50
C ILE A 95 7.13 4.01 15.85
N ILE A 96 6.67 4.76 14.88
CA ILE A 96 5.79 5.88 15.17
C ILE A 96 4.29 5.50 15.13
N ARG A 97 3.84 4.97 14.00
CA ARG A 97 2.46 4.60 13.88
C ARG A 97 2.41 3.32 13.14
N VAL A 98 1.38 2.52 13.40
CA VAL A 98 1.07 1.38 12.55
C VAL A 98 -0.34 1.66 12.04
N LEU A 99 -0.46 1.95 10.75
CA LEU A 99 -1.72 2.45 10.20
C LEU A 99 -2.18 1.57 9.04
N HIS A 100 -3.48 1.54 8.84
CA HIS A 100 -4.08 0.91 7.69
C HIS A 100 -3.59 1.49 6.38
N GLN A 101 -3.35 0.60 5.41
CA GLN A 101 -3.02 1.01 4.05
C GLN A 101 -4.04 1.97 3.45
N SER A 102 -5.23 2.09 4.05
CA SER A 102 -6.27 2.95 3.49
C SER A 102 -5.89 4.40 3.79
N ASN A 104 -2.68 5.53 3.41
CA ASN A 104 -1.68 5.89 2.42
C ASN A 104 -2.15 6.97 1.44
N ALA A 105 -1.20 7.81 1.04
CA ALA A 105 -1.43 8.87 0.05
C ALA A 105 -0.11 9.21 -0.58
N ARG A 106 -0.15 9.66 -1.84
CA ARG A 106 1.03 10.17 -2.53
C ARG A 106 1.45 11.51 -1.92
N ALA A 107 2.69 11.55 -1.43
CA ALA A 107 3.32 12.77 -0.93
C ALA A 107 3.99 13.65 -2.04
N HIS A 108 3.85 14.98 -1.96
CA HIS A 108 4.42 15.93 -2.96
C HIS A 108 5.92 16.22 -2.79
N LEU A 109 6.65 16.36 -3.91
CA LEU A 109 8.06 16.77 -3.83
C LEU A 109 8.24 18.30 -3.82
N LYS B 16 -1.20 -27.76 4.19
CA LYS B 16 -0.88 -26.30 4.07
C LYS B 16 -0.56 -25.81 2.61
N PRO B 17 -1.18 -26.45 1.58
CA PRO B 17 -0.64 -26.17 0.24
C PRO B 17 -1.22 -24.98 -0.51
N TYR B 18 -0.52 -24.54 -1.55
CA TYR B 18 -0.94 -23.42 -2.37
C TYR B 18 -0.31 -23.51 -3.75
N ARG B 19 -0.99 -22.94 -4.73
CA ARG B 19 -0.50 -22.94 -6.09
C ARG B 19 0.37 -21.68 -6.22
N LEU B 20 1.49 -21.77 -6.94
CA LEU B 20 2.38 -20.62 -7.15
C LEU B 20 2.58 -20.35 -8.64
N SER B 21 2.15 -19.18 -9.15
CA SER B 21 2.33 -18.93 -10.57
C SER B 21 3.81 -18.81 -10.80
N ARG B 22 4.24 -19.22 -12.00
CA ARG B 22 5.62 -19.14 -12.38
C ARG B 22 6.05 -17.71 -12.61
N ARG B 23 5.17 -16.83 -13.04
CA ARG B 23 5.60 -15.44 -13.10
C ARG B 23 5.91 -14.95 -11.68
N ALA B 24 5.14 -15.44 -10.69
CA ALA B 24 5.32 -15.00 -9.30
C ALA B 24 6.61 -15.57 -8.70
N LYS B 25 7.02 -16.72 -9.21
CA LYS B 25 8.30 -17.27 -8.79
C LYS B 25 9.40 -16.43 -9.42
N ALA B 26 9.22 -16.00 -10.65
CA ALA B 26 10.21 -15.10 -11.24
C ALA B 26 10.24 -13.75 -10.48
N ASP B 27 9.07 -13.32 -10.00
CA ASP B 27 8.94 -12.17 -9.10
C ASP B 27 9.87 -12.30 -7.89
N LEU B 28 9.75 -13.37 -7.13
CA LEU B 28 10.70 -13.68 -6.06
C LEU B 28 12.15 -13.62 -6.48
N ASP B 29 12.46 -14.25 -7.63
CA ASP B 29 13.83 -14.22 -8.15
C ASP B 29 14.32 -12.78 -8.40
N ASP B 30 13.56 -12.03 -9.22
CA ASP B 30 13.89 -10.63 -9.48
C ASP B 30 14.10 -9.87 -8.19
N ILE B 31 13.29 -10.24 -7.19
CA ILE B 31 13.30 -9.54 -5.94
C ILE B 31 14.55 -9.92 -5.18
N TRP B 32 14.90 -11.20 -5.21
CA TRP B 32 16.12 -11.65 -4.54
C TRP B 32 17.34 -10.96 -5.14
N THR B 33 17.40 -10.91 -6.46
CA THR B 33 18.50 -10.25 -7.16
C THR B 33 18.62 -8.77 -6.74
N TYR B 34 17.52 -8.05 -6.79
CA TYR B 34 17.57 -6.63 -6.49
C TYR B 34 18.14 -6.40 -5.09
N SER B 35 17.56 -7.09 -4.13
CA SER B 35 17.86 -6.84 -2.73
C SER B 35 19.22 -7.39 -2.40
N GLU B 36 19.58 -8.48 -3.07
CA GLU B 36 20.88 -9.06 -2.88
C GLU B 36 21.95 -8.08 -3.40
N GLN B 37 21.65 -7.47 -4.54
CA GLN B 37 22.58 -6.52 -5.13
C GLN B 37 22.66 -5.25 -4.29
N ARG B 38 21.55 -4.87 -3.70
CA ARG B 38 21.44 -3.62 -2.94
C ARG B 38 21.95 -3.79 -1.50
N TRP B 39 21.71 -4.96 -0.91
CA TRP B 39 21.95 -5.14 0.51
C TRP B 39 22.74 -6.37 0.95
N GLY B 40 23.04 -7.30 0.04
CA GLY B 40 23.76 -8.54 0.43
C GLY B 40 22.86 -9.74 0.70
N VAL B 41 23.44 -10.93 0.84
CA VAL B 41 22.67 -12.19 0.92
C VAL B 41 21.91 -12.39 2.22
N GLU B 42 22.52 -12.01 3.35
CA GLU B 42 21.89 -12.12 4.67
C GLU B 42 20.54 -11.43 4.63
N GLN B 43 20.55 -10.25 4.04
CA GLN B 43 19.42 -9.35 3.98
C GLN B 43 18.40 -9.81 2.90
N ALA B 44 18.90 -10.23 1.74
CA ALA B 44 18.05 -10.76 0.71
C ALA B 44 17.25 -11.95 1.23
N ALA B 45 17.92 -12.83 1.98
CA ALA B 45 17.37 -14.07 2.54
C ALA B 45 16.33 -13.81 3.64
N ASP B 46 16.56 -12.77 4.42
CA ASP B 46 15.64 -12.38 5.46
C ASP B 46 14.39 -11.74 4.86
N TYR B 47 14.57 -10.92 3.83
CA TYR B 47 13.41 -10.37 3.11
C TYR B 47 12.58 -11.46 2.40
N ALA B 48 13.27 -12.41 1.76
CA ALA B 48 12.61 -13.56 1.19
C ALA B 48 11.81 -14.30 2.27
N ARG B 49 12.31 -14.29 3.51
CA ARG B 49 11.63 -14.95 4.62
C ARG B 49 10.39 -14.19 5.07
N GLU B 50 10.42 -12.87 5.08
CA GLU B 50 9.21 -12.09 5.34
C GLU B 50 8.14 -12.42 4.33
N LEU B 51 8.55 -12.55 3.07
CA LEU B 51 7.68 -12.84 1.97
C LEU B 51 7.12 -14.24 2.12
N GLN B 52 7.97 -15.18 2.56
CA GLN B 52 7.57 -16.57 2.82
C GLN B 52 6.48 -16.60 3.84
N ALA B 53 6.67 -15.89 4.93
CA ALA B 53 5.73 -15.90 6.02
C ALA B 53 4.38 -15.29 5.57
N THR B 54 4.43 -14.20 4.81
CA THR B 54 3.23 -13.55 4.31
C THR B 54 2.40 -14.56 3.52
N ILE B 55 3.09 -15.30 2.63
CA ILE B 55 2.46 -16.27 1.72
C ILE B 55 1.97 -17.50 2.46
N GLU B 56 2.68 -17.89 3.50
CA GLU B 56 2.25 -19.02 4.32
C GLU B 56 1.07 -18.61 5.19
N ILE B 58 -1.13 -16.31 3.97
CA ILE B 58 -2.20 -16.14 3.01
C ILE B 58 -2.82 -17.49 2.80
N ALA B 59 -1.99 -18.52 2.83
CA ALA B 59 -2.46 -19.89 2.63
C ALA B 59 -3.23 -20.39 3.81
N GLU B 60 -2.70 -20.19 5.01
CA GLU B 60 -3.39 -20.61 6.22
C GLU B 60 -4.76 -19.93 6.23
N HIS B 61 -4.77 -18.60 6.16
CA HIS B 61 -6.02 -17.84 6.25
C HIS B 61 -6.23 -16.96 5.02
N PRO B 62 -6.80 -17.53 3.94
CA PRO B 62 -6.98 -16.74 2.71
C PRO B 62 -7.93 -15.54 2.88
N GLY B 63 -8.98 -15.70 3.69
CA GLY B 63 -9.96 -14.66 3.89
C GLY B 63 -9.42 -13.38 4.53
N GLY B 65 -6.67 -11.45 3.40
CA GLY B 65 -6.30 -10.42 2.48
C GLY B 65 -7.45 -9.51 2.15
N GLN B 66 -7.13 -8.24 2.00
CA GLN B 66 -8.07 -7.25 1.52
C GLN B 66 -8.47 -7.62 0.10
N PRO B 67 -9.77 -7.91 -0.10
CA PRO B 67 -10.20 -8.09 -1.48
C PRO B 67 -9.95 -6.82 -2.30
N ASP B 68 -9.68 -7.01 -3.60
CA ASP B 68 -9.80 -5.93 -4.54
C ASP B 68 -10.61 -6.37 -5.75
N GLU B 69 -11.90 -6.52 -5.52
CA GLU B 69 -12.85 -7.04 -6.50
C GLU B 69 -13.06 -6.10 -7.69
N ASN B 70 -12.90 -4.78 -7.49
CA ASN B 70 -12.94 -3.84 -8.63
C ASN B 70 -11.65 -3.92 -9.48
N LEU B 71 -10.53 -4.32 -8.88
CA LEU B 71 -9.33 -4.51 -9.66
C LEU B 71 -9.55 -5.70 -10.61
N ARG B 72 -9.80 -6.85 -10.00
CA ARG B 72 -10.05 -8.04 -10.77
C ARG B 72 -10.85 -9.00 -9.91
N ALA B 73 -11.94 -9.51 -10.47
CA ALA B 73 -12.80 -10.41 -9.71
C ALA B 73 -12.03 -11.56 -9.03
N GLY B 74 -12.23 -11.72 -7.74
CA GLY B 74 -11.73 -12.85 -7.02
C GLY B 74 -10.40 -12.61 -6.35
N TYR B 75 -9.83 -11.43 -6.59
CA TYR B 75 -8.48 -11.07 -6.17
C TYR B 75 -8.43 -10.40 -4.81
N ARG B 76 -7.44 -10.81 -4.02
CA ARG B 76 -7.16 -10.21 -2.74
C ARG B 76 -5.67 -9.88 -2.70
N ARG B 77 -5.28 -8.98 -1.82
CA ARG B 77 -3.86 -8.67 -1.63
C ARG B 77 -3.38 -8.78 -0.18
N CYS B 78 -2.09 -8.98 -0.01
CA CYS B 78 -1.48 -8.99 1.30
C CYS B 78 -0.09 -8.46 1.09
N ALA B 79 0.19 -7.32 1.68
CA ALA B 79 1.46 -6.68 1.45
C ALA B 79 2.52 -7.25 2.41
N SER B 80 3.78 -7.03 2.08
CA SER B 80 4.87 -7.59 2.85
C SER B 80 6.09 -6.76 2.53
N GLY B 81 6.58 -6.03 3.53
CA GLY B 81 7.71 -5.11 3.37
C GLY B 81 7.49 -3.98 2.38
N SER B 82 8.17 -4.06 1.24
CA SER B 82 7.94 -3.10 0.15
C SER B 82 7.07 -3.73 -0.95
N HIS B 83 6.68 -4.99 -0.74
CA HIS B 83 5.95 -5.70 -1.75
C HIS B 83 4.46 -5.98 -1.46
N VAL B 84 3.78 -6.54 -2.47
CA VAL B 84 2.36 -6.85 -2.40
C VAL B 84 2.10 -8.15 -3.13
N VAL B 85 1.66 -9.16 -2.37
CA VAL B 85 1.21 -10.45 -2.90
C VAL B 85 -0.25 -10.35 -3.35
N PHE B 86 -0.49 -10.52 -4.64
CA PHE B 86 -1.85 -10.58 -5.16
C PHE B 86 -2.25 -12.03 -5.40
N TYR B 87 -3.40 -12.44 -4.92
CA TYR B 87 -3.75 -13.83 -5.04
C TYR B 87 -5.24 -14.01 -5.34
N ARG B 88 -5.59 -15.19 -5.83
CA ARG B 88 -6.97 -15.62 -5.84
C ARG B 88 -7.00 -17.00 -5.23
N VAL B 89 -8.18 -17.57 -5.09
CA VAL B 89 -8.27 -18.92 -4.60
C VAL B 89 -9.13 -19.72 -5.57
N GLY B 90 -8.63 -20.86 -6.00
CA GLY B 90 -9.40 -21.73 -6.88
C GLY B 90 -9.82 -22.89 -6.00
N VAL B 91 -9.39 -24.07 -6.39
CA VAL B 91 -9.47 -25.24 -5.53
C VAL B 91 -8.48 -25.02 -4.36
N ARG B 92 -7.43 -24.25 -4.61
CA ARG B 92 -6.61 -23.72 -3.52
C ARG B 92 -6.11 -22.31 -3.74
N VAL B 93 -5.50 -21.75 -2.73
CA VAL B 93 -4.90 -20.43 -2.86
C VAL B 93 -3.90 -20.47 -3.99
N GLU B 94 -4.02 -19.51 -4.90
CA GLU B 94 -3.04 -19.35 -5.93
C GLU B 94 -2.39 -18.00 -5.88
N ILE B 95 -1.09 -17.99 -5.65
CA ILE B 95 -0.33 -16.75 -5.63
C ILE B 95 -0.03 -16.30 -7.04
N ILE B 96 -0.66 -15.22 -7.46
CA ILE B 96 -0.52 -14.77 -8.83
C ILE B 96 0.77 -13.96 -9.12
N ARG B 97 1.00 -12.92 -8.32
CA ARG B 97 2.13 -12.02 -8.53
C ARG B 97 2.67 -11.56 -7.20
N VAL B 98 3.91 -11.11 -7.18
CA VAL B 98 4.48 -10.39 -6.06
C VAL B 98 5.11 -9.12 -6.62
N LEU B 99 4.46 -7.99 -6.39
CA LEU B 99 4.80 -6.79 -7.11
C LEU B 99 5.18 -5.68 -6.17
N HIS B 100 6.11 -4.84 -6.61
CA HIS B 100 6.50 -3.69 -5.82
C HIS B 100 5.28 -2.81 -5.56
N GLN B 101 5.20 -2.33 -4.33
CA GLN B 101 4.12 -1.49 -3.89
C GLN B 101 3.93 -0.19 -4.69
N SER B 102 4.89 0.17 -5.54
CA SER B 102 4.71 1.40 -6.34
C SER B 102 3.78 1.14 -7.52
N ASN B 104 0.75 -0.13 -6.99
CA ASN B 104 -0.58 0.05 -6.45
C ASN B 104 -1.40 1.07 -7.22
N ALA B 105 -2.69 0.80 -7.33
CA ALA B 105 -3.60 1.67 -8.05
C ALA B 105 -4.99 1.63 -7.41
N ARG B 106 -5.73 2.72 -7.53
CA ARG B 106 -7.08 2.82 -6.98
C ARG B 106 -8.10 2.23 -7.94
N ALA B 107 -8.50 0.99 -7.68
CA ALA B 107 -9.55 0.32 -8.46
C ALA B 107 -10.85 1.14 -8.54
N HIS B 108 -11.42 1.21 -9.74
CA HIS B 108 -12.67 1.97 -9.94
C HIS B 108 -13.89 1.08 -9.73
N LEU B 109 -14.76 1.51 -8.81
CA LEU B 109 -16.00 0.79 -8.43
C LEU B 109 -16.85 0.32 -9.63
N ASN C 5 -20.77 27.56 -13.45
CA ASN C 5 -20.36 27.06 -14.79
C ASN C 5 -19.08 27.74 -15.31
N THR C 6 -17.93 27.10 -15.08
CA THR C 6 -16.61 27.71 -15.28
C THR C 6 -15.94 27.47 -16.65
N SER C 7 -14.93 28.29 -16.94
CA SER C 7 -14.21 28.23 -18.20
C SER C 7 -12.75 27.84 -17.93
N VAL C 8 -12.24 26.85 -18.66
CA VAL C 8 -10.85 26.38 -18.45
C VAL C 8 -10.03 26.07 -19.69
N VAL C 9 -8.78 26.50 -19.66
CA VAL C 9 -7.84 26.19 -20.74
C VAL C 9 -7.20 24.80 -20.51
N LEU C 10 -7.55 23.86 -21.39
CA LEU C 10 -6.88 22.56 -21.52
C LEU C 10 -6.06 22.47 -22.83
N GLY C 11 -4.89 21.87 -22.73
CA GLY C 11 -4.03 21.72 -23.88
C GLY C 11 -4.47 20.48 -24.61
N ASP C 12 -3.80 20.22 -25.72
CA ASP C 12 -4.15 19.11 -26.59
C ASP C 12 -4.22 17.82 -25.80
N HIS C 13 -3.22 17.56 -24.99
CA HIS C 13 -3.13 16.27 -24.34
C HIS C 13 -4.40 15.85 -23.62
N PHE C 14 -4.93 16.74 -22.78
CA PHE C 14 -6.11 16.50 -21.95
C PHE C 14 -7.39 16.77 -22.73
N GLN C 15 -7.33 17.68 -23.69
CA GLN C 15 -8.36 17.79 -24.71
C GLN C 15 -8.74 16.37 -25.12
N ALA C 16 -7.69 15.60 -25.40
CA ALA C 16 -7.76 14.31 -26.04
C ALA C 16 -8.02 13.24 -25.00
N PHE C 17 -7.39 13.39 -23.85
CA PHE C 17 -7.63 12.45 -22.80
C PHE C 17 -9.11 12.49 -22.39
N ILE C 18 -9.68 13.67 -22.27
CA ILE C 18 -11.09 13.75 -21.94
C ILE C 18 -11.96 13.01 -22.96
N ASP C 19 -11.61 13.13 -24.24
CA ASP C 19 -12.37 12.46 -25.29
C ASP C 19 -12.21 10.93 -25.26
N SER C 20 -11.02 10.43 -24.92
CA SER C 20 -10.84 8.97 -24.84
C SER C 20 -11.69 8.37 -23.70
N GLN C 21 -12.13 9.23 -22.79
CA GLN C 21 -12.85 8.82 -21.61
C GLN C 21 -14.33 8.86 -21.89
N VAL C 22 -14.74 9.83 -22.69
CA VAL C 22 -16.11 10.16 -22.96
C VAL C 22 -16.64 9.46 -24.21
N ALA C 23 -15.74 9.08 -25.13
CA ALA C 23 -16.13 8.29 -26.31
C ALA C 23 -16.21 6.80 -25.95
N ASP C 24 -15.28 6.35 -25.11
CA ASP C 24 -15.47 5.15 -24.28
C ASP C 24 -16.66 5.44 -23.35
N GLY C 25 -17.13 4.44 -22.62
CA GLY C 25 -18.26 4.68 -21.71
C GLY C 25 -17.88 5.05 -20.28
N ARG C 26 -16.67 5.58 -20.08
CA ARG C 26 -16.27 5.86 -18.71
C ARG C 26 -17.13 6.98 -18.10
N TYR C 27 -17.29 8.06 -18.86
CA TYR C 27 -18.03 9.24 -18.40
C TYR C 27 -18.90 9.82 -19.49
N GLY C 28 -19.97 10.51 -19.09
CA GLY C 28 -20.91 11.11 -20.03
C GLY C 28 -20.50 12.46 -20.58
N SER C 29 -19.58 13.16 -19.90
CA SER C 29 -19.18 14.51 -20.33
C SER C 29 -17.78 14.93 -19.85
N ALA C 30 -17.24 16.01 -20.43
CA ALA C 30 -16.02 16.65 -19.99
C ALA C 30 -16.10 16.99 -18.51
N SER C 31 -17.20 17.61 -18.12
CA SER C 31 -17.38 18.06 -16.76
C SER C 31 -17.33 16.90 -15.77
N GLU C 32 -17.82 15.73 -16.19
CA GLU C 32 -17.84 14.57 -15.32
C GLU C 32 -16.43 14.04 -15.11
N VAL C 33 -15.61 14.12 -16.16
CA VAL C 33 -14.23 13.65 -16.10
C VAL C 33 -13.41 14.54 -15.16
N ILE C 34 -13.44 15.84 -15.42
CA ILE C 34 -12.82 16.80 -14.51
C ILE C 34 -13.30 16.63 -13.04
N ARG C 35 -14.57 16.37 -12.82
CA ARG C 35 -15.02 16.12 -11.44
C ARG C 35 -14.33 14.88 -10.83
N ALA C 36 -14.24 13.80 -11.61
CA ALA C 36 -13.51 12.60 -11.22
C ALA C 36 -12.05 12.87 -10.79
N GLY C 37 -11.29 13.57 -11.64
CA GLY C 37 -9.97 14.08 -11.27
C GLY C 37 -9.98 14.88 -9.97
N LEU C 38 -10.86 15.88 -9.87
CA LEU C 38 -10.88 16.71 -8.66
C LEU C 38 -11.12 15.91 -7.41
N ARG C 39 -11.94 14.88 -7.52
CA ARG C 39 -12.35 14.08 -6.41
C ARG C 39 -11.17 13.37 -5.85
N LEU C 40 -10.36 12.84 -6.75
CA LEU C 40 -9.17 12.10 -6.40
C LEU C 40 -8.16 13.05 -5.79
N LEU C 41 -8.05 14.25 -6.37
CA LEU C 41 -7.19 15.28 -5.86
C LEU C 41 -7.59 15.60 -4.42
N GLU C 42 -8.85 15.98 -4.22
CA GLU C 42 -9.38 16.24 -2.89
C GLU C 42 -9.18 15.08 -1.89
N GLU C 43 -9.44 13.84 -2.33
CA GLU C 43 -9.34 12.67 -1.44
C GLU C 43 -7.92 12.46 -0.95
N ASN C 44 -6.97 12.64 -1.85
CA ASN C 44 -5.58 12.46 -1.54
C ASN C 44 -5.07 13.59 -0.68
N GLU C 45 -5.41 14.80 -1.08
CA GLU C 45 -4.98 15.94 -0.33
C GLU C 45 -5.40 15.72 1.12
N ALA C 46 -6.57 15.13 1.32
CA ALA C 46 -7.10 14.94 2.68
C ALA C 46 -6.57 13.70 3.40
N LYS C 47 -6.26 12.63 2.68
CA LYS C 47 -5.58 11.51 3.28
C LYS C 47 -4.22 11.95 3.78
N LEU C 48 -3.59 12.81 2.98
CA LEU C 48 -2.25 13.29 3.21
C LEU C 48 -2.08 14.14 4.46
N ALA C 49 -3.02 15.04 4.70
CA ALA C 49 -3.04 15.82 5.94
C ALA C 49 -3.30 14.84 7.11
N ALA C 50 -4.30 13.99 6.94
CA ALA C 50 -4.63 13.02 7.95
C ALA C 50 -3.39 12.20 8.37
N LEU C 51 -2.53 11.86 7.39
CA LEU C 51 -1.37 11.02 7.62
C LEU C 51 -0.31 11.73 8.46
N ARG C 52 -0.01 12.98 8.11
CA ARG C 52 0.99 13.75 8.81
C ARG C 52 0.56 14.05 10.23
N ALA C 53 -0.70 14.42 10.40
CA ALA C 53 -1.21 14.62 11.76
C ALA C 53 -1.04 13.32 12.56
N ALA C 54 -1.26 12.18 11.89
CA ALA C 54 -1.29 10.88 12.57
C ALA C 54 0.08 10.53 13.08
N LEU C 55 1.08 10.87 12.28
CA LEU C 55 2.50 10.70 12.58
C LEU C 55 2.98 11.67 13.66
N ILE C 56 2.49 12.92 13.67
CA ILE C 56 2.85 13.87 14.72
C ILE C 56 2.39 13.38 16.08
N GLU C 57 1.12 13.00 16.14
CA GLU C 57 0.51 12.37 17.29
C GLU C 57 1.35 11.22 17.79
N GLY C 58 1.80 10.36 16.87
CA GLY C 58 2.72 9.30 17.22
C GLY C 58 4.00 9.80 17.86
N GLU C 59 4.57 10.87 17.31
CA GLU C 59 5.77 11.47 17.88
C GLU C 59 5.52 12.03 19.27
N GLU C 60 4.36 12.65 19.47
CA GLU C 60 4.06 13.33 20.75
C GLU C 60 3.56 12.38 21.85
N SER C 61 3.15 11.19 21.43
CA SER C 61 2.69 10.15 22.33
C SER C 61 3.78 9.70 23.31
N GLY C 62 5.05 10.05 23.08
CA GLY C 62 6.11 9.55 23.94
C GLY C 62 6.44 8.10 23.63
N PHE C 63 7.40 7.50 24.34
CA PHE C 63 7.87 6.19 23.92
C PHE C 63 7.88 5.12 24.97
N ILE C 64 7.69 3.86 24.52
CA ILE C 64 8.00 2.68 25.34
C ILE C 64 9.32 2.12 24.82
N GLU C 65 10.22 1.76 25.71
CA GLU C 65 11.59 1.49 25.28
C GLU C 65 11.97 0.01 25.24
N ASP C 66 11.17 -0.82 25.89
CA ASP C 66 11.55 -2.20 26.16
C ASP C 66 10.48 -3.18 25.71
N PHE C 67 9.72 -2.82 24.68
CA PHE C 67 8.52 -3.57 24.35
C PHE C 67 8.65 -5.10 24.28
N ASP C 68 7.82 -5.77 25.09
CA ASP C 68 7.76 -7.21 25.10
C ASP C 68 6.56 -7.65 24.29
N PHE C 69 6.84 -7.92 23.02
CA PHE C 69 5.82 -8.31 22.07
C PHE C 69 5.29 -9.70 22.36
N ASP C 70 6.15 -10.59 22.85
CA ASP C 70 5.69 -11.89 23.22
C ASP C 70 4.63 -11.73 24.33
N ALA C 71 4.84 -10.79 25.26
CA ALA C 71 3.90 -10.60 26.38
C ALA C 71 2.64 -9.80 25.98
N PHE C 72 2.78 -8.85 25.07
CA PHE C 72 1.59 -8.19 24.52
C PHE C 72 0.66 -9.24 23.95
N ILE C 73 1.20 -10.17 23.17
CA ILE C 73 0.39 -11.25 22.62
C ILE C 73 -0.20 -12.15 23.71
N GLU C 74 0.61 -12.58 24.68
CA GLU C 74 0.11 -13.31 25.84
C GLU C 74 -1.08 -12.61 26.45
N GLU C 75 -0.85 -11.40 26.95
CA GLU C 75 -1.89 -10.65 27.66
C GLU C 75 -3.12 -10.48 26.79
N ARG C 76 -2.96 -10.15 25.50
CA ARG C 76 -4.13 -9.92 24.66
C ARG C 76 -4.93 -11.21 24.46
N SER C 77 -4.22 -12.33 24.33
CA SER C 77 -4.83 -13.66 24.24
C SER C 77 -5.55 -14.09 25.52
N ARG C 78 -5.00 -13.72 26.69
CA ARG C 78 -5.61 -13.98 28.01
C ARG C 78 -6.96 -13.28 28.16
N ALA C 79 -7.09 -12.11 27.51
CA ALA C 79 -8.30 -11.30 27.50
C ALA C 79 -9.27 -11.78 26.42
N ASN D 5 -9.49 25.97 -24.20
CA ASN D 5 -10.33 27.15 -23.83
C ASN D 5 -11.75 26.75 -23.43
N THR D 6 -11.84 25.53 -22.90
CA THR D 6 -13.08 24.78 -22.62
C THR D 6 -13.99 25.35 -21.51
N SER D 7 -15.03 24.60 -21.16
CA SER D 7 -16.20 25.13 -20.45
C SER D 7 -16.99 24.01 -19.77
N VAL D 8 -17.23 24.17 -18.47
CA VAL D 8 -17.65 23.04 -17.64
C VAL D 8 -18.47 23.46 -16.41
N VAL D 9 -19.22 22.51 -15.87
CA VAL D 9 -19.93 22.74 -14.61
C VAL D 9 -19.43 21.80 -13.50
N LEU D 10 -18.91 22.41 -12.44
CA LEU D 10 -18.46 21.71 -11.25
C LEU D 10 -19.55 21.65 -10.18
N GLY D 11 -19.30 20.90 -9.10
CA GLY D 11 -20.13 21.11 -7.90
C GLY D 11 -19.99 22.54 -7.37
N ASP D 12 -20.91 22.95 -6.50
CA ASP D 12 -20.65 24.07 -5.59
C ASP D 12 -19.43 23.64 -4.78
N HIS D 13 -19.42 22.34 -4.48
CA HIS D 13 -18.39 21.70 -3.67
C HIS D 13 -16.98 21.78 -4.28
N PHE D 14 -16.86 21.35 -5.54
CA PHE D 14 -15.57 21.40 -6.23
C PHE D 14 -15.21 22.82 -6.63
N GLN D 15 -16.22 23.67 -6.79
CA GLN D 15 -15.95 25.06 -7.08
C GLN D 15 -15.24 25.65 -5.88
N ALA D 16 -15.60 25.19 -4.69
CA ALA D 16 -15.09 25.79 -3.45
C ALA D 16 -13.73 25.19 -3.10
N PHE D 17 -13.59 23.91 -3.41
CA PHE D 17 -12.34 23.24 -3.23
C PHE D 17 -11.30 23.92 -4.13
N ILE D 18 -11.63 24.07 -5.41
CA ILE D 18 -10.77 24.83 -6.29
C ILE D 18 -10.44 26.21 -5.68
N ASP D 19 -11.46 26.93 -5.22
CA ASP D 19 -11.28 28.24 -4.60
C ASP D 19 -10.28 28.21 -3.45
N SER D 20 -10.41 27.24 -2.56
CA SER D 20 -9.56 27.16 -1.40
C SER D 20 -8.15 26.73 -1.78
N GLN D 21 -8.06 25.79 -2.70
CA GLN D 21 -6.78 25.33 -3.15
C GLN D 21 -6.00 26.50 -3.77
N VAL D 22 -6.69 27.26 -4.63
CA VAL D 22 -6.09 28.41 -5.28
C VAL D 22 -5.70 29.49 -4.29
N ALA D 23 -6.51 29.66 -3.24
CA ALA D 23 -6.25 30.66 -2.20
C ALA D 23 -5.36 30.17 -1.04
N ASP D 24 -4.99 28.89 -1.03
CA ASP D 24 -3.82 28.45 -0.28
C ASP D 24 -2.68 28.84 -1.20
N GLY D 25 -1.46 28.43 -0.90
CA GLY D 25 -0.35 28.70 -1.83
C GLY D 25 -0.29 27.75 -3.02
N ARG D 26 -1.32 26.93 -3.17
CA ARG D 26 -1.20 25.67 -3.90
C ARG D 26 -1.14 25.72 -5.44
N TYR D 27 -2.04 26.47 -6.07
CA TYR D 27 -2.00 26.59 -7.53
C TYR D 27 -2.24 28.02 -7.87
N GLY D 28 -2.01 28.40 -9.11
CA GLY D 28 -2.17 29.78 -9.54
C GLY D 28 -3.55 30.10 -10.09
N SER D 29 -4.32 29.07 -10.39
CA SER D 29 -5.68 29.26 -10.91
C SER D 29 -6.49 27.97 -10.88
N ALA D 30 -7.78 28.08 -11.23
CA ALA D 30 -8.66 26.94 -11.39
C ALA D 30 -8.17 25.94 -12.45
N SER D 31 -7.63 26.44 -13.56
CA SER D 31 -7.17 25.57 -14.61
C SER D 31 -6.07 24.67 -14.08
N GLU D 32 -5.14 25.21 -13.31
CA GLU D 32 -4.03 24.41 -12.80
C GLU D 32 -4.48 23.29 -11.88
N VAL D 33 -5.52 23.56 -11.10
CA VAL D 33 -6.12 22.56 -10.23
C VAL D 33 -6.76 21.46 -11.06
N ILE D 34 -7.64 21.86 -11.97
CA ILE D 34 -8.33 20.94 -12.84
C ILE D 34 -7.37 19.94 -13.49
N ARG D 35 -6.23 20.45 -13.94
CA ARG D 35 -5.20 19.64 -14.64
C ARG D 35 -4.48 18.71 -13.65
N ALA D 36 -4.27 19.19 -12.43
CA ALA D 36 -3.63 18.38 -11.40
C ALA D 36 -4.49 17.14 -11.19
N GLY D 37 -5.78 17.33 -10.96
CA GLY D 37 -6.75 16.23 -10.90
C GLY D 37 -6.75 15.35 -12.14
N LEU D 38 -6.71 15.98 -13.32
CA LEU D 38 -6.62 15.23 -14.58
C LEU D 38 -5.38 14.39 -14.65
N ARG D 39 -4.25 14.96 -14.30
CA ARG D 39 -2.99 14.22 -14.18
C ARG D 39 -3.15 12.98 -13.26
N LEU D 40 -3.80 13.18 -12.11
CA LEU D 40 -4.04 12.07 -11.19
C LEU D 40 -4.91 10.99 -11.79
N LEU D 41 -6.02 11.39 -12.40
CA LEU D 41 -6.95 10.48 -13.04
C LEU D 41 -6.27 9.69 -14.17
N GLU D 42 -5.51 10.36 -15.02
CA GLU D 42 -4.79 9.68 -16.09
C GLU D 42 -3.80 8.66 -15.53
N GLU D 43 -2.98 9.11 -14.59
CA GLU D 43 -1.96 8.28 -13.99
C GLU D 43 -2.62 7.05 -13.44
N ASN D 44 -3.70 7.25 -12.71
CA ASN D 44 -4.36 6.13 -12.07
C ASN D 44 -4.96 5.15 -13.07
N GLU D 45 -5.25 5.64 -14.24
CA GLU D 45 -5.84 4.80 -15.24
C GLU D 45 -4.73 4.00 -15.92
N ALA D 46 -3.53 4.56 -16.02
CA ALA D 46 -2.38 3.86 -16.56
C ALA D 46 -2.01 2.74 -15.60
N LYS D 47 -1.81 3.07 -14.32
CA LYS D 47 -1.37 2.09 -13.32
C LYS D 47 -2.32 0.87 -13.23
N LEU D 48 -3.61 1.14 -13.28
CA LEU D 48 -4.64 0.13 -13.28
C LEU D 48 -4.49 -0.79 -14.50
N ALA D 49 -4.34 -0.22 -15.68
CA ALA D 49 -4.06 -1.03 -16.86
C ALA D 49 -2.79 -1.91 -16.64
N ALA D 50 -1.72 -1.31 -16.12
CA ALA D 50 -0.49 -2.06 -15.90
C ALA D 50 -0.74 -3.19 -14.90
N LEU D 51 -1.48 -2.90 -13.85
CA LEU D 51 -1.64 -3.85 -12.76
C LEU D 51 -2.44 -5.06 -13.22
N ARG D 52 -3.47 -4.78 -14.04
CA ARG D 52 -4.34 -5.83 -14.54
C ARG D 52 -3.60 -6.71 -15.48
N ALA D 53 -2.65 -6.10 -16.15
CA ALA D 53 -1.83 -6.79 -17.11
C ALA D 53 -0.86 -7.67 -16.36
N ALA D 54 -0.30 -7.16 -15.25
CA ALA D 54 0.73 -7.91 -14.55
C ALA D 54 0.09 -9.17 -14.00
N LEU D 55 -1.20 -9.06 -13.72
CA LEU D 55 -1.99 -10.08 -13.07
C LEU D 55 -2.41 -11.09 -14.14
N ILE D 56 -2.98 -10.61 -15.24
CA ILE D 56 -3.23 -11.52 -16.37
C ILE D 56 -1.96 -12.34 -16.73
N GLU D 57 -0.84 -11.64 -16.87
CA GLU D 57 0.45 -12.25 -17.14
C GLU D 57 0.78 -13.37 -16.18
N GLY D 58 0.45 -13.18 -14.90
CA GLY D 58 0.66 -14.24 -13.88
C GLY D 58 -0.24 -15.45 -14.10
N GLU D 59 -1.55 -15.19 -14.27
CA GLU D 59 -2.57 -16.18 -14.61
C GLU D 59 -2.16 -17.04 -15.78
N GLU D 60 -1.42 -16.46 -16.73
CA GLU D 60 -1.12 -17.14 -18.01
C GLU D 60 0.32 -17.69 -18.12
N SER D 61 1.04 -17.79 -17.00
CA SER D 61 2.42 -18.25 -16.98
C SER D 61 2.62 -19.67 -16.48
N GLY D 62 1.51 -20.33 -16.08
CA GLY D 62 1.54 -21.66 -15.50
C GLY D 62 1.73 -21.70 -13.99
N PHE D 63 1.72 -22.89 -13.42
CA PHE D 63 1.68 -22.98 -11.98
C PHE D 63 2.56 -24.05 -11.39
N ILE D 64 3.25 -23.71 -10.32
CA ILE D 64 4.02 -24.67 -9.56
C ILE D 64 3.11 -25.21 -8.50
N GLU D 65 3.13 -26.52 -8.25
CA GLU D 65 2.30 -27.09 -7.20
C GLU D 65 3.04 -27.36 -5.89
N ASP D 66 4.36 -27.38 -5.95
CA ASP D 66 5.10 -28.01 -4.86
C ASP D 66 6.26 -27.17 -4.44
N PHE D 67 6.07 -25.85 -4.51
CA PHE D 67 7.11 -24.89 -4.24
C PHE D 67 7.68 -25.08 -2.85
N ASP D 68 9.00 -25.26 -2.79
CA ASP D 68 9.64 -25.29 -1.50
C ASP D 68 10.36 -23.98 -1.31
N PHE D 69 9.81 -23.16 -0.43
CA PHE D 69 10.42 -21.91 -0.15
C PHE D 69 11.77 -22.13 0.45
N ASP D 70 11.85 -22.99 1.47
CA ASP D 70 13.11 -23.20 2.18
C ASP D 70 14.23 -23.55 1.18
N ALA D 71 13.95 -24.48 0.25
CA ALA D 71 14.90 -24.86 -0.81
C ALA D 71 15.19 -23.72 -1.80
N PHE D 72 14.18 -22.94 -2.16
CA PHE D 72 14.38 -21.71 -2.97
C PHE D 72 15.38 -20.74 -2.32
N ILE D 73 15.20 -20.52 -1.04
CA ILE D 73 16.02 -19.61 -0.28
C ILE D 73 17.45 -20.11 -0.18
N GLU D 74 17.62 -21.42 0.03
CA GLU D 74 18.97 -22.01 0.05
C GLU D 74 19.62 -21.86 -1.31
N GLU D 75 18.92 -22.29 -2.35
CA GLU D 75 19.42 -22.20 -3.73
C GLU D 75 19.95 -20.81 -4.06
N ARG D 76 19.16 -19.78 -3.81
CA ARG D 76 19.56 -18.42 -4.19
C ARG D 76 20.75 -17.93 -3.38
N SER D 77 21.18 -18.70 -2.40
CA SER D 77 22.16 -18.20 -1.46
C SER D 77 23.10 -19.25 -0.85
N ARG D 78 23.34 -20.35 -1.56
CA ARG D 78 23.93 -21.54 -0.96
C ARG D 78 25.12 -21.24 -0.04
#